data_2HU9
#
_entry.id   2HU9
#
_cell.length_a   56.253
_cell.length_b   64.469
_cell.length_c   84.148
_cell.angle_alpha   90.000
_cell.angle_beta   90.000
_cell.angle_gamma   90.000
#
_symmetry.space_group_name_H-M   'P 21 21 21'
#
loop_
_entity.id
_entity.type
_entity.pdbx_description
1 polymer 'Mercuric transport protein periplasmic component'
2 non-polymer 'ZINC ION'
3 non-polymer 'FE2/S2 (INORGANIC) CLUSTER'
4 non-polymer 'ACETIC ACID'
5 water water
#
_entity_poly.entity_id   1
_entity_poly.type   'polypeptide(L)'
_entity_poly.pdbx_seq_one_letter_code
;MMRCPECSTEGWRVLPLTVGAHVKEGLWSKIKGDFYFCSLESCEVVYFNEQTVFRKGELKTRVGVKEREEPKPVCYCNRV
TEKMLLEAAEKFGKEKAVEITGAGKGKWCVVTNPSGRCCHWHLERLGFPV
;
_entity_poly.pdbx_strand_id   A,B
#
# COMPACT_ATOMS: atom_id res chain seq x y z
N MET A 1 -1.00 -21.57 9.75
CA MET A 1 -0.41 -22.91 10.07
C MET A 1 0.88 -22.69 10.88
N MET A 2 1.64 -21.67 10.52
CA MET A 2 2.83 -21.28 11.28
C MET A 2 2.39 -20.42 12.48
N ARG A 3 3.14 -20.52 13.57
CA ARG A 3 2.78 -19.83 14.81
C ARG A 3 3.72 -18.65 15.02
N CYS A 4 3.13 -17.52 15.39
CA CYS A 4 3.90 -16.29 15.61
C CYS A 4 5.04 -16.50 16.62
N PRO A 5 6.27 -16.04 16.30
CA PRO A 5 7.37 -16.33 17.23
C PRO A 5 7.24 -15.56 18.55
N GLU A 6 6.41 -14.52 18.59
CA GLU A 6 6.25 -13.73 19.82
C GLU A 6 5.09 -14.21 20.66
N CYS A 7 3.89 -14.26 20.08
CA CYS A 7 2.70 -14.60 20.84
C CYS A 7 2.15 -16.03 20.66
N SER A 8 2.74 -16.81 19.75
CA SER A 8 2.27 -18.19 19.43
C SER A 8 0.97 -18.35 18.65
N THR A 9 0.31 -17.24 18.31
CA THR A 9 -0.92 -17.28 17.53
C THR A 9 -0.69 -17.79 16.11
N GLU A 10 -1.57 -18.67 15.62
CA GLU A 10 -1.41 -19.18 14.25
C GLU A 10 -1.64 -18.04 13.29
N GLY A 11 -0.71 -17.83 12.37
CA GLY A 11 -0.83 -16.75 11.41
C GLY A 11 -1.38 -17.22 10.08
N TRP A 12 -1.84 -16.31 9.26
CA TRP A 12 -2.25 -16.73 7.95
C TRP A 12 -1.30 -16.28 6.83
N ARG A 13 -1.13 -17.18 5.87
CA ARG A 13 -0.13 -16.97 4.82
C ARG A 13 -0.44 -15.72 4.01
N VAL A 14 0.61 -14.94 3.76
CA VAL A 14 0.53 -13.81 2.86
C VAL A 14 1.65 -13.89 1.86
N LEU A 15 1.35 -13.48 0.63
CA LEU A 15 2.34 -13.50 -0.43
C LEU A 15 3.33 -12.32 -0.29
N PRO A 16 4.51 -12.42 -0.94
CA PRO A 16 5.40 -11.26 -1.03
C PRO A 16 4.73 -10.00 -1.61
N LEU A 17 3.77 -10.16 -2.53
CA LEU A 17 3.02 -9.06 -3.11
C LEU A 17 2.36 -8.21 -2.01
N THR A 18 1.72 -8.89 -1.07
CA THR A 18 1.03 -8.21 0.05
C THR A 18 2.05 -7.54 0.96
N VAL A 19 3.07 -8.29 1.35
CA VAL A 19 4.09 -7.78 2.30
C VAL A 19 4.76 -6.55 1.73
N GLY A 20 5.17 -6.60 0.45
CA GLY A 20 5.82 -5.45 -0.18
C GLY A 20 4.93 -4.21 -0.25
N ALA A 21 3.61 -4.39 -0.26
CA ALA A 21 2.68 -3.29 -0.35
C ALA A 21 2.55 -2.51 1.00
N HIS A 22 3.01 -3.12 2.08
CA HIS A 22 2.82 -2.62 3.47
C HIS A 22 4.07 -2.37 4.27
N VAL A 23 5.19 -2.99 3.89
CA VAL A 23 6.48 -2.75 4.58
C VAL A 23 7.21 -1.54 3.98
N LYS A 24 7.97 -0.82 4.82
CA LYS A 24 8.84 0.24 4.30
C LYS A 24 9.74 -0.31 3.17
N GLU A 25 9.89 0.47 2.11
CA GLU A 25 10.56 -0.01 0.90
C GLU A 25 12.01 -0.36 1.11
N GLY A 26 12.59 0.24 2.15
CA GLY A 26 13.97 -0.06 2.55
C GLY A 26 14.16 -1.50 2.98
N LEU A 27 13.06 -2.19 3.25
CA LEU A 27 13.09 -3.58 3.72
C LEU A 27 12.69 -4.61 2.64
N TRP A 28 12.46 -4.13 1.43
CA TRP A 28 12.02 -5.01 0.35
C TRP A 28 13.00 -6.17 0.08
N SER A 29 14.30 -5.91 0.17
CA SER A 29 15.28 -6.99 -0.08
C SER A 29 15.18 -8.15 0.92
N LYS A 30 14.51 -7.93 2.06
CA LYS A 30 14.32 -8.96 3.09
C LYS A 30 13.09 -9.85 2.78
N ILE A 31 12.29 -9.45 1.79
CA ILE A 31 11.09 -10.22 1.40
C ILE A 31 11.52 -11.29 0.38
N LYS A 32 11.66 -12.53 0.84
CA LYS A 32 12.26 -13.58 -0.01
C LYS A 32 11.37 -14.81 -0.20
N GLY A 33 10.15 -14.74 0.28
CA GLY A 33 9.15 -15.78 0.06
C GLY A 33 7.92 -15.41 0.88
N ASP A 34 7.02 -16.36 1.06
CA ASP A 34 5.80 -16.07 1.83
C ASP A 34 6.07 -15.72 3.31
N PHE A 35 5.17 -14.91 3.86
CA PHE A 35 5.16 -14.63 5.28
C PHE A 35 3.82 -15.08 5.84
N TYR A 36 3.67 -14.89 7.15
CA TYR A 36 2.42 -15.12 7.82
C TYR A 36 2.04 -13.89 8.61
N PHE A 37 0.76 -13.57 8.60
CA PHE A 37 0.25 -12.38 9.29
C PHE A 37 -0.23 -12.74 10.69
N CYS A 38 0.24 -11.96 11.68
CA CYS A 38 -0.20 -12.19 13.05
C CYS A 38 -1.36 -11.23 13.34
N SER A 39 -2.55 -11.79 13.59
CA SER A 39 -3.75 -10.98 13.76
C SER A 39 -4.04 -10.62 15.23
N LEU A 40 -3.14 -10.95 16.15
CA LEU A 40 -3.43 -10.72 17.57
C LEU A 40 -3.24 -9.23 17.88
N GLU A 41 -4.24 -8.64 18.51
CA GLU A 41 -4.29 -7.19 18.78
C GLU A 41 -3.08 -6.68 19.58
N SER A 42 -2.69 -7.43 20.60
CA SER A 42 -1.58 -7.09 21.53
C SER A 42 -0.16 -7.33 21.02
N CYS A 43 -0.01 -8.07 19.93
CA CYS A 43 1.32 -8.49 19.47
C CYS A 43 1.91 -7.45 18.51
N GLU A 44 3.17 -7.09 18.75
CA GLU A 44 3.89 -6.16 17.89
C GLU A 44 4.19 -6.73 16.51
N VAL A 45 4.22 -8.07 16.40
CA VAL A 45 4.57 -8.71 15.13
C VAL A 45 3.42 -8.50 14.15
N VAL A 46 3.72 -8.19 12.90
CA VAL A 46 2.71 -8.12 11.86
C VAL A 46 2.94 -9.26 10.88
N TYR A 47 4.17 -9.35 10.34
CA TYR A 47 4.55 -10.46 9.42
C TYR A 47 5.71 -11.28 9.97
N PHE A 48 5.65 -12.60 9.78
CA PHE A 48 6.75 -13.44 10.22
C PHE A 48 6.94 -14.64 9.29
N ASN A 49 8.17 -15.10 9.23
CA ASN A 49 8.48 -16.40 8.65
C ASN A 49 9.71 -16.98 9.32
N GLU A 50 10.19 -18.08 8.80
CA GLU A 50 11.40 -18.73 9.31
C GLU A 50 12.59 -17.77 9.38
N GLN A 51 12.69 -16.81 8.46
CA GLN A 51 13.89 -15.98 8.34
C GLN A 51 13.80 -14.61 9.00
N THR A 52 12.61 -14.03 8.99
CA THR A 52 12.45 -12.59 9.20
C THR A 52 11.13 -12.30 9.88
N VAL A 53 11.13 -11.29 10.75
CA VAL A 53 9.97 -10.79 11.42
C VAL A 53 9.89 -9.28 11.12
N PHE A 54 8.71 -8.82 10.68
CA PHE A 54 8.43 -7.40 10.55
C PHE A 54 7.46 -6.99 11.64
N ARG A 55 7.88 -6.09 12.53
CA ARG A 55 6.98 -5.57 13.55
C ARG A 55 6.24 -4.32 13.05
N LYS A 56 5.29 -3.84 13.83
CA LYS A 56 4.46 -2.68 13.45
C LYS A 56 5.30 -1.52 12.94
N GLY A 57 6.45 -1.29 13.60
CA GLY A 57 7.31 -0.14 13.27
C GLY A 57 8.01 -0.22 11.93
N GLU A 58 8.00 -1.41 11.33
CA GLU A 58 8.62 -1.65 10.04
C GLU A 58 7.65 -1.53 8.89
N LEU A 59 6.39 -1.37 9.23
CA LEU A 59 5.38 -1.15 8.20
C LEU A 59 5.11 0.31 7.96
N LYS A 60 4.85 0.65 6.70
CA LYS A 60 4.40 2.00 6.35
C LYS A 60 2.88 2.20 6.59
N THR A 61 2.12 1.10 6.62
CA THR A 61 0.66 1.08 6.79
C THR A 61 0.31 0.92 8.28
N ARG A 62 -0.72 1.63 8.71
CA ARG A 62 -1.30 1.38 10.02
C ARG A 62 -2.20 0.15 9.95
N VAL A 63 -1.92 -0.82 10.79
CA VAL A 63 -2.69 -2.09 10.83
C VAL A 63 -3.79 -1.96 11.91
N GLY A 64 -5.05 -1.92 11.49
CA GLY A 64 -6.17 -1.53 12.36
C GLY A 64 -6.21 -2.32 13.65
N VAL A 65 -6.08 -3.66 13.56
CA VAL A 65 -6.23 -4.51 14.76
C VAL A 65 -5.12 -4.28 15.78
N LYS A 66 -3.99 -3.74 15.31
CA LYS A 66 -2.83 -3.48 16.15
C LYS A 66 -2.82 -2.08 16.79
N GLU A 67 -3.75 -1.22 16.38
CA GLU A 67 -3.70 0.19 16.82
C GLU A 67 -4.64 0.45 17.99
N ARG A 68 -4.14 1.13 19.01
CA ARG A 68 -4.97 1.48 20.14
C ARG A 68 -5.77 2.77 19.96
N GLU A 69 -5.29 3.66 19.08
CA GLU A 69 -5.94 4.96 18.82
C GLU A 69 -6.30 5.12 17.34
N GLU A 70 -7.25 6.00 17.04
CA GLU A 70 -7.55 6.36 15.64
C GLU A 70 -6.34 7.06 15.00
N PRO A 71 -6.18 6.93 13.65
CA PRO A 71 -7.01 6.12 12.76
C PRO A 71 -6.82 4.60 12.92
N LYS A 72 -7.93 3.89 12.87
CA LYS A 72 -7.99 2.46 13.02
C LYS A 72 -8.64 1.88 11.79
N PRO A 73 -7.85 1.65 10.72
CA PRO A 73 -8.51 1.18 9.48
C PRO A 73 -9.15 -0.19 9.65
N VAL A 74 -10.32 -0.37 9.06
CA VAL A 74 -10.93 -1.68 8.94
C VAL A 74 -10.94 -2.10 7.47
N CYS A 75 -11.61 -1.32 6.62
CA CYS A 75 -11.65 -1.59 5.20
C CYS A 75 -10.68 -0.68 4.44
N TYR A 76 -9.69 -1.30 3.83
CA TYR A 76 -8.68 -0.51 3.13
C TYR A 76 -9.08 -0.16 1.71
N CYS A 77 -9.88 -1.01 1.06
CA CYS A 77 -10.33 -0.71 -0.28
C CYS A 77 -11.23 0.48 -0.30
N ASN A 78 -12.05 0.60 0.76
CA ASN A 78 -13.04 1.67 0.82
C ASN A 78 -12.80 2.73 1.89
N ARG A 79 -11.62 2.68 2.52
CA ARG A 79 -11.16 3.73 3.44
C ARG A 79 -12.09 3.95 4.62
N VAL A 80 -12.45 2.84 5.27
CA VAL A 80 -13.41 2.85 6.39
C VAL A 80 -12.68 2.51 7.68
N THR A 81 -12.78 3.40 8.66
CA THR A 81 -12.16 3.21 9.98
C THR A 81 -13.17 2.64 10.99
N GLU A 82 -12.67 2.05 12.09
CA GLU A 82 -13.52 1.62 13.23
C GLU A 82 -14.46 2.76 13.66
N LYS A 83 -13.93 3.97 13.75
CA LYS A 83 -14.74 5.14 14.17
C LYS A 83 -15.94 5.40 13.26
N MET A 84 -15.73 5.32 11.94
CA MET A 84 -16.81 5.47 10.99
C MET A 84 -17.87 4.38 11.18
N LEU A 85 -17.40 3.14 11.35
CA LEU A 85 -18.29 2.00 11.53
C LEU A 85 -19.16 2.11 12.80
N LEU A 86 -18.57 2.50 13.93
CA LEU A 86 -19.34 2.54 15.18
C LEU A 86 -20.22 3.78 15.31
N GLU A 87 -19.74 4.89 14.75
CA GLU A 87 -20.54 6.11 14.62
C GLU A 87 -21.82 5.80 13.85
N ALA A 88 -21.68 5.17 12.69
CA ALA A 88 -22.83 4.77 11.87
C ALA A 88 -23.68 3.66 12.51
N ALA A 89 -23.04 2.81 13.31
CA ALA A 89 -23.76 1.70 13.97
C ALA A 89 -24.68 2.24 15.06
N GLU A 90 -24.24 3.30 15.73
CA GLU A 90 -25.06 3.96 16.70
C GLU A 90 -26.29 4.60 16.07
N LYS A 91 -26.12 5.23 14.91
CA LYS A 91 -27.24 5.86 14.21
C LYS A 91 -28.17 4.83 13.54
N PHE A 92 -27.62 3.86 12.81
CA PHE A 92 -28.43 3.00 11.96
C PHE A 92 -28.42 1.52 12.33
N GLY A 93 -27.65 1.17 13.35
CA GLY A 93 -27.50 -0.23 13.74
C GLY A 93 -26.37 -0.89 12.95
N LYS A 94 -25.63 -1.75 13.63
CA LYS A 94 -24.43 -2.39 13.06
C LYS A 94 -24.55 -2.89 11.63
N GLU A 95 -25.70 -3.47 11.27
CA GLU A 95 -25.86 -3.99 9.91
C GLU A 95 -25.98 -2.90 8.84
N LYS A 96 -26.74 -1.84 9.12
CA LYS A 96 -26.86 -0.74 8.18
C LYS A 96 -25.56 0.11 8.09
N ALA A 97 -24.71 0.00 9.11
CA ALA A 97 -23.41 0.68 9.09
C ALA A 97 -22.46 0.06 8.04
N VAL A 98 -22.37 -1.27 8.03
CA VAL A 98 -21.59 -1.98 7.03
C VAL A 98 -22.06 -1.60 5.61
N GLU A 99 -23.38 -1.52 5.44
CA GLU A 99 -23.98 -1.20 4.15
C GLU A 99 -23.73 0.25 3.72
N ILE A 100 -23.62 1.14 4.70
CA ILE A 100 -23.49 2.58 4.42
C ILE A 100 -22.03 3.03 4.28
N THR A 101 -21.14 2.40 5.04
CA THR A 101 -19.71 2.67 4.90
C THR A 101 -19.11 2.06 3.62
N GLY A 102 -19.73 1.01 3.10
CA GLY A 102 -19.18 0.28 1.95
C GLY A 102 -18.09 -0.71 2.35
N ALA A 103 -17.88 -0.89 3.65
CA ALA A 103 -16.89 -1.83 4.15
C ALA A 103 -17.17 -3.22 3.61
N GLY A 104 -16.15 -3.85 3.04
CA GLY A 104 -16.28 -5.20 2.49
C GLY A 104 -16.62 -5.32 1.00
N LYS A 105 -16.92 -4.21 0.34
CA LYS A 105 -17.37 -4.24 -1.06
C LYS A 105 -16.26 -4.21 -2.12
N GLY A 106 -15.00 -4.08 -1.71
CA GLY A 106 -13.91 -3.96 -2.71
C GLY A 106 -13.43 -5.32 -3.15
N LYS A 107 -12.48 -5.35 -4.09
CA LYS A 107 -11.86 -6.64 -4.51
C LYS A 107 -10.34 -6.68 -4.44
N TRP A 108 -9.69 -5.55 -4.14
CA TRP A 108 -8.22 -5.46 -4.23
C TRP A 108 -7.51 -5.72 -2.91
N CYS A 109 -8.21 -6.40 -2.02
CA CYS A 109 -7.76 -6.63 -0.64
C CYS A 109 -6.39 -7.29 -0.51
N VAL A 110 -6.05 -8.22 -1.41
CA VAL A 110 -4.71 -8.87 -1.34
C VAL A 110 -3.58 -7.83 -1.36
N VAL A 111 -3.80 -6.69 -2.00
CA VAL A 111 -2.83 -5.60 -1.98
C VAL A 111 -3.19 -4.49 -0.96
N THR A 112 -4.45 -4.08 -0.91
CA THR A 112 -4.78 -2.91 -0.05
C THR A 112 -4.76 -3.23 1.42
N ASN A 113 -5.06 -4.48 1.75
CA ASN A 113 -5.22 -4.91 3.15
C ASN A 113 -3.95 -5.60 3.64
N PRO A 114 -3.34 -5.11 4.76
CA PRO A 114 -2.12 -5.78 5.28
C PRO A 114 -2.26 -7.27 5.57
N SER A 115 -3.47 -7.72 5.90
CA SER A 115 -3.71 -9.14 6.16
C SER A 115 -3.76 -9.97 4.86
N GLY A 116 -3.80 -9.31 3.71
CA GLY A 116 -3.90 -9.93 2.38
C GLY A 116 -5.24 -10.55 2.07
N ARG A 117 -6.23 -10.24 2.91
CA ARG A 117 -7.55 -10.87 2.83
C ARG A 117 -8.58 -9.76 2.91
N CYS A 118 -9.79 -10.07 2.41
CA CYS A 118 -10.94 -9.19 2.61
C CYS A 118 -11.13 -8.80 4.10
N CYS A 119 -11.60 -7.58 4.34
CA CYS A 119 -11.83 -7.08 5.69
C CYS A 119 -12.99 -7.73 6.47
N HIS A 120 -13.73 -8.68 5.88
CA HIS A 120 -14.83 -9.40 6.62
C HIS A 120 -14.35 -9.92 7.96
N TRP A 121 -13.14 -10.47 8.02
CA TRP A 121 -12.65 -11.06 9.26
C TRP A 121 -12.60 -10.03 10.40
N HIS A 122 -12.16 -8.81 10.09
CA HIS A 122 -12.06 -7.74 11.07
C HIS A 122 -13.46 -7.22 11.37
N LEU A 123 -14.31 -7.12 10.34
CA LEU A 123 -15.70 -6.68 10.55
C LEU A 123 -16.40 -7.63 11.53
N GLU A 124 -16.24 -8.93 11.28
CA GLU A 124 -16.83 -9.98 12.13
C GLU A 124 -16.25 -9.94 13.56
N ARG A 125 -14.95 -9.66 13.68
CA ARG A 125 -14.29 -9.51 14.98
C ARG A 125 -14.84 -8.35 15.80
N LEU A 126 -15.34 -7.32 15.10
CA LEU A 126 -15.90 -6.12 15.72
C LEU A 126 -17.40 -6.23 16.00
N GLY A 127 -18.01 -7.35 15.63
CA GLY A 127 -19.43 -7.55 15.90
C GLY A 127 -20.34 -7.15 14.76
N PHE A 128 -19.75 -6.87 13.59
CA PHE A 128 -20.52 -6.50 12.41
C PHE A 128 -20.73 -7.69 11.45
N PRO A 129 -21.58 -8.69 11.82
CA PRO A 129 -21.73 -9.83 10.90
C PRO A 129 -22.07 -9.36 9.48
N VAL A 130 -21.50 -10.03 8.48
CA VAL A 130 -21.55 -9.54 7.11
C VAL A 130 -22.38 -10.45 6.17
N MET B 2 -5.69 18.31 -16.40
CA MET B 2 -5.54 19.08 -15.12
C MET B 2 -4.05 19.23 -14.84
N ARG B 3 -3.60 20.44 -14.47
CA ARG B 3 -2.17 20.67 -14.23
C ARG B 3 -1.81 20.92 -12.78
N CYS B 4 -0.66 20.41 -12.38
CA CYS B 4 -0.21 20.50 -11.00
C CYS B 4 -0.12 21.96 -10.61
N PRO B 5 -0.71 22.33 -9.46
CA PRO B 5 -0.65 23.73 -9.04
C PRO B 5 0.77 24.23 -8.77
N GLU B 6 1.68 23.31 -8.50
CA GLU B 6 3.04 23.66 -8.10
C GLU B 6 4.03 23.77 -9.27
N CYS B 7 3.99 22.82 -10.19
CA CYS B 7 4.97 22.76 -11.29
C CYS B 7 4.32 22.88 -12.66
N SER B 8 2.99 22.85 -12.70
CA SER B 8 2.19 22.95 -13.93
C SER B 8 2.19 21.72 -14.85
N THR B 9 2.93 20.66 -14.46
CA THR B 9 2.89 19.39 -15.19
C THR B 9 1.46 18.86 -15.32
N GLU B 10 1.12 18.35 -16.50
CA GLU B 10 -0.17 17.71 -16.71
C GLU B 10 -0.26 16.44 -15.85
N GLY B 11 -1.34 16.32 -15.11
CA GLY B 11 -1.49 15.21 -14.14
C GLY B 11 -2.10 13.97 -14.75
N TRP B 12 -1.83 12.80 -14.16
CA TRP B 12 -2.46 11.59 -14.64
C TRP B 12 -3.59 11.23 -13.69
N ARG B 13 -4.79 11.09 -14.23
CA ARG B 13 -5.94 10.77 -13.38
C ARG B 13 -5.77 9.43 -12.63
N VAL B 14 -6.09 9.46 -11.34
CA VAL B 14 -6.07 8.28 -10.46
C VAL B 14 -7.35 8.20 -9.64
N LEU B 15 -7.81 6.98 -9.45
CA LEU B 15 -8.96 6.69 -8.61
C LEU B 15 -8.70 6.88 -7.12
N PRO B 16 -9.76 7.17 -6.32
CA PRO B 16 -9.67 7.17 -4.86
C PRO B 16 -9.05 5.90 -4.31
N LEU B 17 -9.36 4.75 -4.93
CA LEU B 17 -8.74 3.49 -4.54
C LEU B 17 -7.19 3.58 -4.49
N THR B 18 -6.57 4.10 -5.57
CA THR B 18 -5.12 4.26 -5.64
C THR B 18 -4.63 5.24 -4.57
N VAL B 19 -5.29 6.40 -4.51
CA VAL B 19 -4.83 7.46 -3.58
C VAL B 19 -4.85 6.94 -2.16
N GLY B 20 -5.93 6.25 -1.81
CA GLY B 20 -6.10 5.64 -0.51
C GLY B 20 -5.08 4.59 -0.12
N ALA B 21 -4.54 3.87 -1.10
CA ALA B 21 -3.50 2.87 -0.83
C ALA B 21 -2.13 3.51 -0.55
N HIS B 22 -1.96 4.82 -0.85
CA HIS B 22 -0.65 5.46 -0.67
C HIS B 22 -0.54 6.63 0.31
N VAL B 23 -1.68 7.25 0.60
CA VAL B 23 -1.64 8.40 1.54
C VAL B 23 -1.76 7.88 2.97
N LYS B 24 -1.23 8.63 3.93
CA LYS B 24 -1.39 8.25 5.32
C LYS B 24 -2.88 8.15 5.68
N GLU B 25 -3.19 7.16 6.50
CA GLU B 25 -4.60 6.86 6.76
C GLU B 25 -5.36 7.99 7.50
N GLY B 26 -4.63 8.80 8.26
CA GLY B 26 -5.22 10.02 8.86
C GLY B 26 -5.85 10.96 7.83
N LEU B 27 -5.43 10.88 6.57
CA LEU B 27 -5.92 11.80 5.55
C LEU B 27 -6.99 11.22 4.64
N TRP B 28 -7.43 9.99 4.94
CA TRP B 28 -8.45 9.34 4.12
C TRP B 28 -9.73 10.16 3.97
N SER B 29 -10.12 10.89 5.03
CA SER B 29 -11.38 11.67 4.93
C SER B 29 -11.31 12.76 3.87
N LYS B 30 -10.10 13.16 3.48
CA LYS B 30 -9.94 14.19 2.43
C LYS B 30 -10.01 13.59 1.03
N ILE B 31 -10.08 12.26 0.93
CA ILE B 31 -10.16 11.68 -0.42
C ILE B 31 -11.62 11.57 -0.81
N LYS B 32 -12.09 12.50 -1.64
CA LYS B 32 -13.52 12.52 -1.97
C LYS B 32 -13.87 12.39 -3.46
N GLY B 33 -12.91 11.96 -4.27
CA GLY B 33 -13.16 11.74 -5.70
C GLY B 33 -11.82 11.48 -6.36
N ASP B 34 -11.76 11.52 -7.70
CA ASP B 34 -10.48 11.28 -8.38
C ASP B 34 -9.44 12.37 -8.07
N PHE B 35 -8.18 11.96 -8.14
CA PHE B 35 -7.08 12.90 -8.07
C PHE B 35 -6.26 12.79 -9.37
N TYR B 36 -5.18 13.56 -9.45
CA TYR B 36 -4.22 13.52 -10.54
C TYR B 36 -2.84 13.37 -9.93
N PHE B 37 -2.06 12.47 -10.49
CA PHE B 37 -0.70 12.20 -10.03
C PHE B 37 0.24 13.14 -10.78
N CYS B 38 1.10 13.82 -10.03
CA CYS B 38 2.18 14.61 -10.64
C CYS B 38 3.44 13.79 -10.79
N SER B 39 3.90 13.61 -12.01
CA SER B 39 5.03 12.72 -12.27
C SER B 39 6.42 13.42 -12.34
N LEU B 40 6.46 14.73 -12.06
CA LEU B 40 7.70 15.50 -12.17
C LEU B 40 8.64 15.19 -10.99
N GLU B 41 9.84 14.73 -11.34
CA GLU B 41 10.89 14.35 -10.41
C GLU B 41 11.13 15.39 -9.33
N SER B 42 11.21 16.67 -9.72
CA SER B 42 11.55 17.73 -8.77
C SER B 42 10.36 18.31 -7.98
N CYS B 43 9.14 17.90 -8.29
CA CYS B 43 7.96 18.48 -7.62
C CYS B 43 7.57 17.69 -6.38
N GLU B 44 7.37 18.40 -5.27
CA GLU B 44 6.94 17.78 -4.01
C GLU B 44 5.52 17.22 -4.03
N VAL B 45 4.74 17.71 -4.98
CA VAL B 45 3.32 17.34 -5.05
C VAL B 45 3.27 15.91 -5.60
N VAL B 46 2.44 15.07 -4.99
CA VAL B 46 2.20 13.74 -5.56
C VAL B 46 0.80 13.66 -6.16
N TYR B 47 -0.21 14.04 -5.36
CA TYR B 47 -1.59 14.00 -5.80
C TYR B 47 -2.24 15.37 -5.64
N PHE B 48 -3.11 15.72 -6.59
CA PHE B 48 -3.83 17.00 -6.51
C PHE B 48 -5.18 16.87 -7.22
N ASN B 49 -6.14 17.68 -6.78
CA ASN B 49 -7.35 17.91 -7.55
C ASN B 49 -7.84 19.32 -7.20
N GLU B 50 -9.08 19.62 -7.50
CA GLU B 50 -9.54 21.00 -7.28
C GLU B 50 -9.64 21.38 -5.80
N GLN B 51 -9.74 20.38 -4.93
CA GLN B 51 -9.96 20.61 -3.49
C GLN B 51 -8.72 20.44 -2.65
N THR B 52 -7.80 19.58 -3.10
CA THR B 52 -6.79 19.06 -2.17
C THR B 52 -5.47 18.80 -2.86
N VAL B 53 -4.36 19.06 -2.15
CA VAL B 53 -3.01 18.73 -2.62
C VAL B 53 -2.25 17.88 -1.59
N PHE B 54 -1.86 16.68 -1.99
CA PHE B 54 -1.03 15.81 -1.14
C PHE B 54 0.40 15.80 -1.66
N ARG B 55 1.32 16.23 -0.81
CA ARG B 55 2.73 16.20 -1.08
C ARG B 55 3.34 14.89 -0.56
N LYS B 56 4.62 14.69 -0.85
CA LYS B 56 5.37 13.46 -0.49
C LYS B 56 5.21 13.16 0.98
N GLY B 57 5.29 14.22 1.80
CA GLY B 57 5.18 14.05 3.26
C GLY B 57 3.85 13.50 3.76
N GLU B 58 2.80 13.61 2.97
CA GLU B 58 1.51 13.07 3.34
C GLU B 58 1.30 11.62 2.87
N LEU B 59 2.27 11.07 2.14
CA LEU B 59 2.15 9.69 1.66
C LEU B 59 2.89 8.78 2.60
N LYS B 60 2.38 7.56 2.79
CA LYS B 60 3.15 6.56 3.52
C LYS B 60 4.16 5.83 2.59
N THR B 61 3.87 5.87 1.27
CA THR B 61 4.71 5.26 0.23
C THR B 61 5.76 6.22 -0.28
N ARG B 62 6.98 5.69 -0.49
CA ARG B 62 8.03 6.44 -1.21
C ARG B 62 7.77 6.35 -2.70
N VAL B 63 7.70 7.50 -3.35
CA VAL B 63 7.42 7.57 -4.79
C VAL B 63 8.81 7.68 -5.45
N GLY B 64 9.23 6.63 -6.14
CA GLY B 64 10.59 6.52 -6.62
C GLY B 64 11.07 7.67 -7.50
N VAL B 65 10.24 8.16 -8.43
CA VAL B 65 10.75 9.30 -9.25
C VAL B 65 11.07 10.52 -8.39
N LYS B 66 10.42 10.66 -7.23
CA LYS B 66 10.53 11.89 -6.46
C LYS B 66 11.59 11.84 -5.39
N GLU B 67 12.29 10.71 -5.30
CA GLU B 67 13.25 10.51 -4.23
C GLU B 67 14.66 10.73 -4.75
N ARG B 68 15.44 11.50 -4.01
CA ARG B 68 16.82 11.77 -4.39
C ARG B 68 17.75 10.65 -3.95
N GLU B 69 17.42 9.98 -2.84
CA GLU B 69 18.25 8.94 -2.26
C GLU B 69 17.55 7.58 -2.26
N GLU B 70 18.32 6.50 -2.17
CA GLU B 70 17.71 5.17 -2.00
C GLU B 70 16.96 5.10 -0.65
N PRO B 71 15.92 4.24 -0.56
CA PRO B 71 15.35 3.45 -1.68
C PRO B 71 14.48 4.25 -2.68
N LYS B 72 14.64 3.94 -3.97
CA LYS B 72 13.91 4.57 -5.05
C LYS B 72 13.09 3.48 -5.75
N PRO B 73 11.87 3.20 -5.27
CA PRO B 73 11.07 2.16 -5.91
C PRO B 73 10.76 2.43 -7.41
N VAL B 74 10.79 1.34 -8.19
CA VAL B 74 10.45 1.39 -9.59
C VAL B 74 9.20 0.50 -9.80
N CYS B 75 9.34 -0.78 -9.49
CA CYS B 75 8.24 -1.73 -9.67
C CYS B 75 7.71 -2.12 -8.32
N TYR B 76 6.47 -1.70 -8.04
CA TYR B 76 5.86 -2.00 -6.78
C TYR B 76 5.28 -3.42 -6.68
N CYS B 77 4.76 -3.95 -7.78
CA CYS B 77 4.26 -5.35 -7.76
C CYS B 77 5.36 -6.33 -7.49
N ASN B 78 6.58 -6.05 -7.94
CA ASN B 78 7.68 -7.02 -7.79
C ASN B 78 8.81 -6.56 -6.87
N ARG B 79 8.59 -5.44 -6.17
CA ARG B 79 9.52 -4.92 -5.19
C ARG B 79 10.92 -4.66 -5.75
N VAL B 80 10.96 -3.87 -6.81
CA VAL B 80 12.23 -3.60 -7.51
C VAL B 80 12.60 -2.13 -7.38
N THR B 81 13.78 -1.85 -6.86
CA THR B 81 14.27 -0.46 -6.75
C THR B 81 15.19 -0.12 -7.93
N GLU B 82 15.43 1.19 -8.13
CA GLU B 82 16.40 1.62 -9.15
C GLU B 82 17.77 0.94 -8.92
N LYS B 83 18.23 0.90 -7.68
CA LYS B 83 19.48 0.22 -7.31
C LYS B 83 19.54 -1.26 -7.76
N MET B 84 18.47 -2.02 -7.52
CA MET B 84 18.37 -3.42 -7.98
C MET B 84 18.51 -3.50 -9.49
N LEU B 85 17.82 -2.59 -10.18
CA LEU B 85 17.84 -2.59 -11.63
C LEU B 85 19.22 -2.22 -12.16
N LEU B 86 19.81 -1.18 -11.57
CA LEU B 86 21.15 -0.69 -11.96
C LEU B 86 22.25 -1.74 -11.72
N GLU B 87 22.23 -2.37 -10.55
CA GLU B 87 23.21 -3.41 -10.24
C GLU B 87 23.06 -4.60 -11.16
N ALA B 88 21.82 -5.07 -11.35
CA ALA B 88 21.58 -6.15 -12.30
C ALA B 88 22.01 -5.81 -13.74
N ALA B 89 21.76 -4.57 -14.18
CA ALA B 89 22.11 -4.16 -15.54
C ALA B 89 23.63 -4.13 -15.75
N GLU B 90 24.37 -3.67 -14.75
CA GLU B 90 25.84 -3.65 -14.82
C GLU B 90 26.39 -5.06 -14.99
N LYS B 91 25.78 -6.06 -14.33
CA LYS B 91 26.26 -7.44 -14.42
C LYS B 91 25.75 -8.17 -15.66
N PHE B 92 24.46 -7.97 -15.99
CA PHE B 92 23.75 -8.85 -16.93
C PHE B 92 23.21 -8.14 -18.15
N GLY B 93 23.32 -6.81 -18.19
CA GLY B 93 22.75 -6.03 -19.25
C GLY B 93 21.34 -5.59 -18.86
N LYS B 94 20.86 -4.52 -19.46
CA LYS B 94 19.54 -3.92 -19.09
C LYS B 94 18.34 -4.84 -19.38
N GLU B 95 18.36 -5.49 -20.52
CA GLU B 95 17.29 -6.37 -20.96
C GLU B 95 17.14 -7.55 -20.01
N LYS B 96 18.27 -8.15 -19.63
CA LYS B 96 18.24 -9.25 -18.70
C LYS B 96 17.92 -8.80 -17.28
N ALA B 97 18.36 -7.60 -16.91
CA ALA B 97 18.05 -7.04 -15.61
C ALA B 97 16.53 -7.01 -15.37
N VAL B 98 15.78 -6.57 -16.38
CA VAL B 98 14.31 -6.47 -16.26
C VAL B 98 13.72 -7.87 -16.09
N GLU B 99 14.24 -8.82 -16.88
CA GLU B 99 13.81 -10.23 -16.73
C GLU B 99 14.07 -10.84 -15.37
N ILE B 100 15.29 -10.66 -14.84
CA ILE B 100 15.72 -11.31 -13.58
C ILE B 100 14.95 -10.75 -12.41
N THR B 101 14.70 -9.45 -12.50
CA THR B 101 14.16 -8.63 -11.45
C THR B 101 12.65 -8.78 -11.42
N GLY B 102 12.08 -9.06 -12.60
CA GLY B 102 10.64 -9.17 -12.78
C GLY B 102 9.95 -7.81 -12.89
N ALA B 103 10.74 -6.72 -13.00
CA ALA B 103 10.17 -5.37 -13.18
C ALA B 103 9.20 -5.30 -14.36
N GLY B 104 7.98 -4.84 -14.11
CA GLY B 104 7.08 -4.60 -15.22
C GLY B 104 6.15 -5.76 -15.48
N LYS B 105 6.30 -6.83 -14.72
CA LYS B 105 5.47 -8.00 -14.86
C LYS B 105 4.52 -8.03 -13.65
N GLY B 106 3.39 -7.37 -13.76
CA GLY B 106 2.43 -7.43 -12.64
C GLY B 106 1.05 -7.10 -13.11
N LYS B 107 0.07 -7.38 -12.27
CA LYS B 107 -1.30 -7.03 -12.63
C LYS B 107 -2.03 -6.21 -11.55
N TRP B 108 -1.27 -5.73 -10.56
CA TRP B 108 -1.90 -5.04 -9.41
C TRP B 108 -1.55 -3.56 -9.36
N CYS B 109 -1.02 -3.03 -10.47
CA CYS B 109 -0.44 -1.70 -10.53
C CYS B 109 -1.37 -0.58 -10.08
N VAL B 110 -2.66 -0.71 -10.40
CA VAL B 110 -3.68 0.28 -9.96
C VAL B 110 -3.66 0.53 -8.43
N VAL B 111 -3.30 -0.47 -7.65
CA VAL B 111 -3.15 -0.32 -6.20
C VAL B 111 -1.71 -0.27 -5.72
N THR B 112 -0.81 -1.04 -6.33
CA THR B 112 0.56 -1.11 -5.77
C THR B 112 1.37 0.13 -6.14
N ASN B 113 1.08 0.70 -7.29
CA ASN B 113 1.89 1.77 -7.85
C ASN B 113 1.23 3.15 -7.58
N PRO B 114 1.92 4.09 -6.89
CA PRO B 114 1.25 5.39 -6.60
C PRO B 114 0.74 6.15 -7.83
N SER B 115 1.29 5.85 -9.03
CA SER B 115 0.79 6.47 -10.25
C SER B 115 -0.50 5.85 -10.77
N GLY B 116 -0.90 4.71 -10.20
CA GLY B 116 -2.09 3.96 -10.62
C GLY B 116 -1.89 3.28 -11.97
N ARG B 117 -0.64 3.29 -12.43
CA ARG B 117 -0.28 2.74 -13.76
C ARG B 117 0.86 1.76 -13.61
N CYS B 118 1.04 0.88 -14.60
CA CYS B 118 2.21 0.03 -14.66
C CYS B 118 3.50 0.86 -14.60
N CYS B 119 4.55 0.29 -14.03
CA CYS B 119 5.87 0.95 -13.93
C CYS B 119 6.68 1.12 -15.25
N HIS B 120 6.12 0.70 -16.37
CA HIS B 120 6.80 0.94 -17.69
C HIS B 120 7.23 2.38 -17.95
N TRP B 121 6.43 3.37 -17.55
CA TRP B 121 6.76 4.76 -17.79
C TRP B 121 8.04 5.15 -17.01
N HIS B 122 8.20 4.58 -15.82
CA HIS B 122 9.36 4.82 -14.98
C HIS B 122 10.60 4.04 -15.52
N LEU B 123 10.42 2.79 -15.92
CA LEU B 123 11.51 2.02 -16.57
C LEU B 123 12.08 2.75 -17.79
N GLU B 124 11.19 3.29 -18.61
CA GLU B 124 11.55 4.09 -19.80
C GLU B 124 12.38 5.33 -19.43
N ARG B 125 11.95 6.07 -18.41
CA ARG B 125 12.75 7.23 -17.95
C ARG B 125 14.13 6.82 -17.46
N LEU B 126 14.23 5.60 -16.96
CA LEU B 126 15.49 5.08 -16.45
C LEU B 126 16.39 4.58 -17.61
N GLY B 127 15.83 4.48 -18.80
CA GLY B 127 16.56 4.03 -20.00
C GLY B 127 16.50 2.53 -20.17
N PHE B 128 15.48 1.90 -19.59
CA PHE B 128 15.35 0.44 -19.63
C PHE B 128 14.38 0.01 -20.70
N PRO B 129 14.76 -1.01 -21.49
CA PRO B 129 14.02 -1.55 -22.65
C PRO B 129 12.49 -1.47 -22.56
N VAL B 130 11.88 -2.50 -21.97
CA VAL B 130 10.44 -2.61 -21.74
C VAL B 130 9.46 -2.20 -22.89
#